data_3TO6
#
_entry.id   3TO6
#
_cell.length_a   183.282
_cell.length_b   183.282
_cell.length_c   183.282
_cell.angle_alpha   90.00
_cell.angle_beta   90.00
_cell.angle_gamma   90.00
#
_symmetry.space_group_name_H-M   'I 41 3 2'
#
loop_
_entity.id
_entity.type
_entity.pdbx_description
1 polymer 'Histone acetyltransferase ESA1'
2 polymer 'Histone H4'
3 non-polymer 'CARBOXYMETHYL COENZYME *A'
4 water water
#
loop_
_entity_poly.entity_id
_entity_poly.type
_entity_poly.pdbx_seq_one_letter_code
_entity_poly.pdbx_strand_id
1 'polypeptide(L)'
;EVARVRNLNRIIMGKYEIEPWYFSPYPIELTDEDFIYIDDFTLQYFGSKKQYERYRKKCTLRHPPGNEIYRDDYVSFFEI
DGRKQRTWCRNLCLLSKLFLDH(ALY)TLYYDVDPFLFYCMTRRDELGHHLVGYFSKEKESADGYNVACILTLPQYQRMG
YGKLLIEFSYELSKKENKVGSPEKPLSDLGLLSYRAYWSDTLITLLVEHQKEITIDEISSMTSMTTTDILHTAKTLNILR
YYKGQHIIFLNEDILDRYNRLKAKKRRTIDPNRLIWKPPV
;
A
2 'polypeptide(L)' GKGGAKRHRKIL B
#
# COMPACT_ATOMS: atom_id res chain seq x y z
N GLU A 1 -20.84 -41.99 -10.34
CA GLU A 1 -19.62 -41.21 -10.11
C GLU A 1 -19.75 -39.78 -10.63
N VAL A 2 -19.57 -38.81 -9.75
CA VAL A 2 -19.57 -37.40 -10.12
C VAL A 2 -18.18 -36.85 -9.88
N ALA A 3 -17.54 -36.37 -10.94
CA ALA A 3 -16.20 -35.77 -10.79
C ALA A 3 -16.29 -34.26 -10.63
N ARG A 4 -15.95 -33.76 -9.44
CA ARG A 4 -16.03 -32.33 -9.16
C ARG A 4 -14.78 -31.58 -9.61
N VAL A 5 -14.99 -30.46 -10.28
CA VAL A 5 -13.91 -29.65 -10.80
C VAL A 5 -14.11 -28.25 -10.22
N ARG A 6 -13.44 -27.97 -9.11
CA ARG A 6 -13.76 -26.81 -8.29
C ARG A 6 -12.92 -25.59 -8.60
N ASN A 7 -13.48 -24.42 -8.30
CA ASN A 7 -12.78 -23.16 -8.38
C ASN A 7 -12.04 -22.94 -7.05
N LEU A 8 -11.13 -21.98 -7.00
CA LEU A 8 -10.45 -21.64 -5.76
C LEU A 8 -11.37 -20.75 -4.91
N ASN A 9 -11.97 -21.31 -3.87
CA ASN A 9 -12.94 -20.57 -3.07
C ASN A 9 -12.39 -20.09 -1.73
N ARG A 10 -11.20 -20.54 -1.36
CA ARG A 10 -10.59 -20.09 -0.12
C ARG A 10 -9.11 -20.36 -0.08
N ILE A 11 -8.36 -19.41 0.47
CA ILE A 11 -6.93 -19.61 0.71
C ILE A 11 -6.71 -19.67 2.22
N ILE A 12 -5.78 -20.53 2.65
CA ILE A 12 -5.43 -20.67 4.06
C ILE A 12 -4.05 -20.06 4.29
N MET A 13 -4.01 -18.99 5.08
CA MET A 13 -2.79 -18.23 5.30
C MET A 13 -2.61 -18.06 6.81
N GLY A 14 -1.66 -18.78 7.39
CA GLY A 14 -1.57 -18.84 8.85
C GLY A 14 -2.89 -19.32 9.42
N LYS A 15 -3.44 -18.58 10.38
CA LYS A 15 -4.71 -18.94 10.98
C LYS A 15 -5.93 -18.46 10.19
N TYR A 16 -5.70 -17.67 9.14
CA TYR A 16 -6.80 -17.08 8.37
C TYR A 16 -7.28 -17.94 7.21
N GLU A 17 -8.59 -18.03 7.07
CA GLU A 17 -9.18 -18.70 5.93
C GLU A 17 -9.94 -17.63 5.14
N ILE A 18 -9.37 -17.20 4.01
CA ILE A 18 -9.84 -16.01 3.29
C ILE A 18 -10.53 -16.34 1.97
N GLU A 19 -11.71 -15.77 1.74
CA GLU A 19 -12.40 -15.95 0.45
C GLU A 19 -11.97 -14.88 -0.57
N PRO A 20 -11.47 -15.32 -1.74
CA PRO A 20 -11.08 -14.40 -2.83
C PRO A 20 -12.27 -13.57 -3.31
N TRP A 21 -12.00 -12.37 -3.85
CA TRP A 21 -13.02 -11.51 -4.43
C TRP A 21 -13.08 -11.72 -5.95
N TYR A 22 -11.94 -12.08 -6.54
CA TYR A 22 -11.82 -12.28 -7.98
C TYR A 22 -10.93 -13.48 -8.27
N PHE A 23 -10.97 -13.95 -9.51
CA PHE A 23 -10.15 -15.06 -9.98
C PHE A 23 -8.68 -14.64 -10.13
N SER A 24 -7.77 -15.56 -9.83
CA SER A 24 -6.34 -15.34 -10.03
C SER A 24 -5.72 -16.59 -10.65
N PRO A 25 -4.81 -16.40 -11.62
CA PRO A 25 -4.27 -17.52 -12.42
C PRO A 25 -3.20 -18.38 -11.74
N TYR A 26 -3.44 -18.85 -10.53
CA TYR A 26 -2.51 -19.79 -9.90
C TYR A 26 -2.36 -20.99 -10.83
N PRO A 27 -1.11 -21.36 -11.16
CA PRO A 27 -0.90 -22.48 -12.08
C PRO A 27 -1.05 -23.82 -11.39
N ILE A 28 -2.25 -24.09 -10.88
CA ILE A 28 -2.54 -25.30 -10.12
C ILE A 28 -3.59 -26.15 -10.83
N GLU A 29 -3.63 -27.44 -10.51
CA GLU A 29 -4.66 -28.32 -11.07
C GLU A 29 -6.00 -28.08 -10.40
N LEU A 30 -7.08 -28.10 -11.18
CA LEU A 30 -8.43 -28.05 -10.62
C LEU A 30 -8.80 -29.43 -10.09
N THR A 31 -9.28 -29.51 -8.86
CA THR A 31 -9.60 -30.80 -8.26
C THR A 31 -10.94 -30.73 -7.56
N ASP A 32 -11.25 -31.74 -6.77
CA ASP A 32 -12.49 -31.76 -6.04
C ASP A 32 -12.43 -30.97 -4.74
N GLU A 33 -11.29 -30.35 -4.47
CA GLU A 33 -11.13 -29.48 -3.31
C GLU A 33 -11.07 -28.03 -3.76
N ASP A 34 -11.40 -27.09 -2.88
CA ASP A 34 -11.54 -25.70 -3.28
C ASP A 34 -10.66 -24.73 -2.49
N PHE A 35 -9.58 -25.25 -1.89
CA PHE A 35 -8.66 -24.46 -1.09
C PHE A 35 -7.22 -24.67 -1.55
N ILE A 36 -6.36 -23.69 -1.30
CA ILE A 36 -4.91 -23.90 -1.29
C ILE A 36 -4.32 -23.25 -0.03
N TYR A 37 -3.11 -23.66 0.32
CA TYR A 37 -2.37 -23.06 1.43
C TYR A 37 -1.42 -22.02 0.89
N ILE A 38 -1.41 -20.83 1.50
CA ILE A 38 -0.42 -19.81 1.18
C ILE A 38 0.49 -19.57 2.38
N ASP A 39 1.78 -19.82 2.22
CA ASP A 39 2.71 -19.65 3.33
C ASP A 39 2.87 -18.16 3.62
N ASP A 40 2.66 -17.74 4.87
CA ASP A 40 2.66 -16.30 5.17
C ASP A 40 4.03 -15.64 5.16
N PHE A 41 5.10 -16.40 4.94
CA PHE A 41 6.43 -15.82 4.79
C PHE A 41 6.91 -15.87 3.33
N THR A 42 6.85 -17.05 2.72
CA THR A 42 7.31 -17.23 1.34
C THR A 42 6.24 -16.91 0.29
N LEU A 43 4.98 -16.94 0.70
CA LEU A 43 3.86 -16.71 -0.23
C LEU A 43 3.70 -17.86 -1.22
N GLN A 44 4.43 -18.95 -1.00
CA GLN A 44 4.29 -20.13 -1.84
C GLN A 44 2.90 -20.78 -1.65
N TYR A 45 2.36 -21.35 -2.72
CA TYR A 45 1.04 -21.99 -2.67
C TYR A 45 1.17 -23.51 -2.69
N PHE A 46 0.29 -24.19 -1.96
CA PHE A 46 0.30 -25.65 -1.87
C PHE A 46 -1.11 -26.23 -1.92
N GLY A 47 -1.27 -27.32 -2.67
CA GLY A 47 -2.55 -28.00 -2.76
C GLY A 47 -2.89 -28.83 -1.54
N SER A 48 -1.86 -29.21 -0.78
CA SER A 48 -2.08 -30.09 0.36
C SER A 48 -1.44 -29.58 1.65
N LYS A 49 -2.16 -29.73 2.75
CA LYS A 49 -1.68 -29.31 4.05
C LYS A 49 -0.32 -29.95 4.36
N LYS A 50 -0.16 -31.19 3.92
CA LYS A 50 1.06 -31.95 4.20
C LYS A 50 2.27 -31.40 3.44
N GLN A 51 2.05 -31.02 2.19
CA GLN A 51 3.14 -30.45 1.40
C GLN A 51 3.52 -29.10 2.00
N TYR A 52 2.51 -28.35 2.43
CA TYR A 52 2.72 -27.06 3.09
C TYR A 52 3.57 -27.24 4.35
N GLU A 53 3.18 -28.17 5.21
CA GLU A 53 3.91 -28.43 6.45
C GLU A 53 5.37 -28.78 6.16
N ARG A 54 5.59 -29.69 5.21
CA ARG A 54 6.93 -30.09 4.84
C ARG A 54 7.81 -28.88 4.57
N TYR A 55 7.34 -27.95 3.75
CA TYR A 55 8.12 -26.77 3.41
C TYR A 55 8.20 -25.75 4.53
N ARG A 56 7.21 -25.75 5.41
CA ARG A 56 7.16 -24.82 6.53
C ARG A 56 8.31 -25.05 7.52
N LYS A 57 8.75 -26.30 7.62
CA LYS A 57 9.79 -26.66 8.59
C LYS A 57 11.19 -26.20 8.16
N LYS A 58 11.37 -26.03 6.85
CA LYS A 58 12.64 -25.56 6.30
C LYS A 58 13.04 -24.21 6.86
N CYS A 59 14.35 -23.98 6.93
CA CYS A 59 14.89 -22.77 7.56
C CYS A 59 14.81 -21.56 6.63
N THR A 60 13.89 -20.65 6.92
CA THR A 60 13.72 -19.46 6.09
C THR A 60 13.73 -18.19 6.94
N LEU A 61 14.10 -17.07 6.32
CA LEU A 61 13.94 -15.78 6.98
C LEU A 61 12.46 -15.54 7.30
N ARG A 62 12.19 -14.71 8.29
CA ARG A 62 10.80 -14.49 8.70
C ARG A 62 10.37 -13.04 8.42
N HIS A 63 10.71 -12.55 7.24
CA HIS A 63 10.24 -11.25 6.76
C HIS A 63 10.49 -11.21 5.27
N PRO A 64 9.90 -10.22 4.57
CA PRO A 64 10.05 -10.09 3.11
C PRO A 64 11.50 -9.96 2.67
N PRO A 65 11.84 -10.48 1.48
CA PRO A 65 13.23 -10.56 1.01
C PRO A 65 13.73 -9.29 0.36
N GLY A 66 14.00 -8.27 1.16
CA GLY A 66 14.58 -7.05 0.64
C GLY A 66 15.28 -6.25 1.73
N ASN A 67 15.73 -5.05 1.36
CA ASN A 67 16.37 -4.14 2.30
C ASN A 67 15.37 -3.40 3.19
N GLU A 68 15.64 -3.38 4.49
CA GLU A 68 14.74 -2.71 5.43
C GLU A 68 15.09 -1.23 5.46
N ILE A 69 14.35 -0.42 4.72
CA ILE A 69 14.70 0.99 4.57
C ILE A 69 13.95 1.90 5.56
N TYR A 70 13.07 1.32 6.37
CA TYR A 70 12.33 2.08 7.38
C TYR A 70 11.98 1.14 8.50
N ARG A 71 12.18 1.57 9.74
CA ARG A 71 11.83 0.74 10.88
C ARG A 71 11.46 1.62 12.07
N ASP A 72 10.21 1.59 12.49
CA ASP A 72 9.86 2.26 13.75
C ASP A 72 9.33 1.20 14.73
N ASP A 73 8.78 1.62 15.87
N ASP A 73 8.78 1.64 15.87
CA ASP A 73 8.32 0.64 16.86
CA ASP A 73 8.28 0.71 16.88
C ASP A 73 7.00 -0.03 16.50
C ASP A 73 7.10 -0.14 16.39
N TYR A 74 6.39 0.37 15.37
CA TYR A 74 5.13 -0.21 14.91
C TYR A 74 5.29 -1.04 13.62
N VAL A 75 5.95 -0.48 12.60
CA VAL A 75 6.10 -1.16 11.31
C VAL A 75 7.52 -1.10 10.74
N SER A 76 7.80 -2.00 9.78
CA SER A 76 8.98 -1.93 8.93
C SER A 76 8.55 -1.86 7.46
N PHE A 77 9.37 -1.27 6.60
CA PHE A 77 9.17 -1.37 5.15
C PHE A 77 10.39 -1.99 4.49
N PHE A 78 10.15 -2.96 3.62
CA PHE A 78 11.21 -3.59 2.84
C PHE A 78 11.06 -3.22 1.36
N GLU A 79 12.18 -2.81 0.77
CA GLU A 79 12.24 -2.48 -0.65
C GLU A 79 12.81 -3.67 -1.43
N ILE A 80 12.04 -4.15 -2.39
CA ILE A 80 12.40 -5.33 -3.16
C ILE A 80 12.41 -5.03 -4.67
N ASP A 81 13.52 -5.37 -5.32
CA ASP A 81 13.67 -5.28 -6.77
C ASP A 81 13.06 -6.55 -7.38
N GLY A 82 11.96 -6.40 -8.11
CA GLY A 82 11.30 -7.55 -8.71
C GLY A 82 12.27 -8.45 -9.46
N ARG A 83 13.23 -7.85 -10.14
CA ARG A 83 14.20 -8.60 -10.95
C ARG A 83 15.07 -9.52 -10.06
N LYS A 84 15.36 -9.07 -8.84
CA LYS A 84 16.18 -9.83 -7.90
C LYS A 84 15.43 -10.85 -7.03
N GLN A 85 14.11 -10.77 -7.02
CA GLN A 85 13.32 -11.74 -6.26
C GLN A 85 12.10 -12.19 -7.05
N ARG A 86 12.34 -12.78 -8.21
CA ARG A 86 11.27 -13.07 -9.16
C ARG A 86 10.22 -13.98 -8.56
N THR A 87 10.66 -15.12 -8.00
CA THR A 87 9.72 -16.07 -7.46
C THR A 87 8.81 -15.44 -6.42
N TRP A 88 9.41 -14.78 -5.42
CA TRP A 88 8.64 -14.23 -4.29
C TRP A 88 7.65 -13.18 -4.77
N CYS A 89 8.12 -12.28 -5.63
CA CYS A 89 7.29 -11.23 -6.18
C CYS A 89 6.16 -11.74 -7.08
N ARG A 90 6.42 -12.80 -7.85
CA ARG A 90 5.36 -13.44 -8.64
C ARG A 90 4.27 -13.97 -7.72
N ASN A 91 4.70 -14.62 -6.65
CA ASN A 91 3.77 -15.14 -5.64
C ASN A 91 2.95 -14.03 -4.99
N LEU A 92 3.58 -12.91 -4.71
CA LEU A 92 2.89 -11.74 -4.18
C LEU A 92 1.83 -11.22 -5.17
N CYS A 93 2.19 -11.17 -6.45
CA CYS A 93 1.25 -10.68 -7.48
C CYS A 93 0.04 -11.61 -7.70
N LEU A 94 0.25 -12.92 -7.61
CA LEU A 94 -0.86 -13.88 -7.64
C LEU A 94 -1.80 -13.69 -6.45
N LEU A 95 -1.24 -13.47 -5.27
CA LEU A 95 -2.04 -13.27 -4.07
C LEU A 95 -2.86 -11.99 -4.23
N SER A 96 -2.20 -10.95 -4.72
CA SER A 96 -2.82 -9.63 -4.87
C SER A 96 -3.99 -9.66 -5.88
N LYS A 97 -3.82 -10.37 -7.00
CA LYS A 97 -4.87 -10.50 -8.04
C LYS A 97 -6.20 -11.07 -7.51
N LEU A 98 -6.15 -11.84 -6.43
CA LEU A 98 -7.38 -12.36 -5.82
C LEU A 98 -8.31 -11.25 -5.32
N PHE A 99 -7.74 -10.06 -5.16
CA PHE A 99 -8.48 -8.94 -4.57
C PHE A 99 -8.51 -7.71 -5.49
N LEU A 100 -8.18 -7.93 -6.76
CA LEU A 100 -8.23 -6.87 -7.78
C LEU A 100 -9.03 -7.31 -9.00
N ASP A 101 -9.81 -6.39 -9.57
CA ASP A 101 -10.56 -6.70 -10.78
C ASP A 101 -9.62 -6.96 -11.97
N HIS A 102 -8.52 -6.21 -12.01
CA HIS A 102 -7.55 -6.34 -13.09
C HIS A 102 -6.17 -6.08 -12.59
N THR A 104 -1.78 -6.36 -14.20
CA THR A 104 -0.84 -6.74 -15.24
C THR A 104 -0.36 -8.17 -15.05
N LEU A 105 0.08 -8.79 -16.15
CA LEU A 105 0.58 -10.18 -16.11
C LEU A 105 1.45 -10.47 -14.87
N TYR A 106 1.03 -11.38 -14.01
CA TYR A 106 1.69 -11.56 -12.71
C TYR A 106 3.14 -12.00 -12.85
N TYR A 107 3.45 -12.65 -13.96
CA TYR A 107 4.75 -13.27 -14.16
C TYR A 107 5.88 -12.29 -14.41
N ASP A 108 5.57 -11.15 -15.03
CA ASP A 108 6.61 -10.20 -15.38
C ASP A 108 6.81 -9.16 -14.27
N VAL A 109 7.71 -9.44 -13.33
CA VAL A 109 7.94 -8.58 -12.17
C VAL A 109 9.17 -7.66 -12.31
N ASP A 110 9.98 -7.89 -13.33
CA ASP A 110 11.22 -7.11 -13.52
C ASP A 110 11.07 -5.58 -13.54
N PRO A 111 9.99 -5.05 -14.13
CA PRO A 111 9.92 -3.58 -14.22
C PRO A 111 9.53 -2.88 -12.90
N PHE A 112 9.32 -3.64 -11.83
CA PHE A 112 8.74 -3.05 -10.61
C PHE A 112 9.63 -3.09 -9.38
N LEU A 113 9.50 -2.07 -8.53
CA LEU A 113 9.96 -2.15 -7.13
C LEU A 113 8.75 -2.43 -6.27
N PHE A 114 8.90 -3.27 -5.26
CA PHE A 114 7.84 -3.56 -4.31
C PHE A 114 8.22 -3.05 -2.91
N TYR A 115 7.34 -2.25 -2.30
CA TYR A 115 7.53 -1.78 -0.93
C TYR A 115 6.53 -2.48 -0.01
N CYS A 116 7.05 -3.42 0.78
CA CYS A 116 6.23 -4.31 1.60
C CYS A 116 6.32 -3.95 3.07
N MET A 117 5.15 -3.77 3.68
CA MET A 117 5.07 -3.30 5.07
C MET A 117 4.72 -4.46 6.00
N THR A 118 5.50 -4.62 7.08
CA THR A 118 5.16 -5.59 8.11
C THR A 118 4.79 -4.89 9.42
N ARG A 119 3.92 -5.52 10.20
CA ARG A 119 3.73 -5.15 11.60
C ARG A 119 4.62 -6.08 12.41
N ARG A 120 5.28 -5.55 13.44
CA ARG A 120 6.11 -6.38 14.31
C ARG A 120 5.52 -6.45 15.72
N ASP A 121 5.55 -7.63 16.30
CA ASP A 121 5.12 -7.79 17.69
C ASP A 121 5.93 -8.91 18.33
N GLU A 122 5.49 -9.36 19.50
CA GLU A 122 6.26 -10.35 20.24
C GLU A 122 6.56 -11.60 19.41
N LEU A 123 5.80 -11.80 18.34
CA LEU A 123 5.99 -12.98 17.47
C LEU A 123 6.83 -12.68 16.21
N GLY A 124 7.34 -11.46 16.09
CA GLY A 124 8.12 -11.10 14.93
C GLY A 124 7.33 -10.34 13.86
N HIS A 125 7.74 -10.49 12.61
CA HIS A 125 7.18 -9.76 11.46
C HIS A 125 5.94 -10.44 10.89
N HIS A 126 4.96 -9.63 10.48
CA HIS A 126 3.79 -10.14 9.77
C HIS A 126 3.50 -9.20 8.61
N LEU A 127 3.56 -9.72 7.39
CA LEU A 127 3.23 -8.93 6.20
C LEU A 127 1.77 -8.50 6.24
N VAL A 128 1.51 -7.19 6.20
CA VAL A 128 0.12 -6.72 6.20
C VAL A 128 -0.30 -6.06 4.87
N GLY A 129 0.66 -5.65 4.05
CA GLY A 129 0.34 -4.98 2.79
C GLY A 129 1.55 -4.51 2.00
N TYR A 130 1.33 -3.94 0.82
CA TYR A 130 2.41 -3.49 -0.04
C TYR A 130 1.91 -2.46 -1.08
N PHE A 131 2.85 -1.75 -1.71
CA PHE A 131 2.59 -1.07 -2.98
C PHE A 131 3.74 -1.35 -3.94
N SER A 132 3.41 -1.51 -5.22
CA SER A 132 4.42 -1.65 -6.26
C SER A 132 4.60 -0.28 -6.92
N LYS A 133 5.70 -0.13 -7.64
CA LYS A 133 6.03 1.15 -8.26
C LYS A 133 6.90 0.85 -9.47
N GLU A 134 6.59 1.47 -10.61
CA GLU A 134 7.40 1.27 -11.81
C GLU A 134 8.76 1.91 -11.60
N LYS A 135 9.82 1.18 -11.96
CA LYS A 135 11.17 1.75 -11.91
C LYS A 135 11.22 2.99 -12.79
N GLU A 136 10.52 2.94 -13.92
CA GLU A 136 10.43 4.08 -14.84
C GLU A 136 8.99 4.30 -15.29
N SER A 137 8.35 5.36 -14.82
CA SER A 137 6.97 5.62 -15.22
C SER A 137 6.89 6.83 -16.12
N ALA A 138 6.34 6.65 -17.32
CA ALA A 138 6.16 7.76 -18.24
C ALA A 138 5.27 8.86 -17.65
N ASP A 139 4.29 8.46 -16.85
CA ASP A 139 3.35 9.44 -16.31
C ASP A 139 3.74 9.96 -14.92
N GLY A 140 4.89 9.54 -14.42
CA GLY A 140 5.32 9.89 -13.07
C GLY A 140 4.42 9.33 -11.97
N TYR A 141 3.82 8.17 -12.21
CA TYR A 141 3.01 7.52 -11.19
C TYR A 141 3.91 7.06 -10.04
N ASN A 142 3.54 7.41 -8.80
CA ASN A 142 4.38 7.03 -7.65
C ASN A 142 3.90 5.75 -6.94
N VAL A 143 2.79 5.22 -7.39
CA VAL A 143 2.27 3.93 -7.03
C VAL A 143 1.62 3.26 -8.26
N ALA A 144 1.99 2.03 -8.54
CA ALA A 144 1.34 1.24 -9.55
C ALA A 144 0.15 0.43 -9.02
N CYS A 145 0.35 -0.45 -8.06
CA CYS A 145 -0.76 -1.07 -7.33
C CYS A 145 -0.55 -0.96 -5.82
N ILE A 146 -1.64 -1.02 -5.05
CA ILE A 146 -1.53 -0.98 -3.59
C ILE A 146 -2.57 -1.92 -2.98
N LEU A 147 -2.19 -2.62 -1.93
CA LEU A 147 -3.05 -3.64 -1.32
C LEU A 147 -2.79 -3.77 0.18
N THR A 148 -3.86 -3.81 0.98
CA THR A 148 -3.78 -4.32 2.34
C THR A 148 -4.43 -5.70 2.34
N LEU A 149 -3.74 -6.71 2.86
CA LEU A 149 -4.33 -8.05 2.90
C LEU A 149 -5.67 -7.98 3.60
N PRO A 150 -6.66 -8.75 3.13
CA PRO A 150 -8.04 -8.58 3.62
C PRO A 150 -8.17 -8.79 5.12
N GLN A 151 -7.41 -9.73 5.67
CA GLN A 151 -7.50 -10.02 7.11
C GLN A 151 -7.02 -8.82 7.94
N TYR A 152 -6.34 -7.87 7.29
CA TYR A 152 -5.83 -6.69 7.99
C TYR A 152 -6.47 -5.37 7.55
N GLN A 153 -7.49 -5.43 6.70
CA GLN A 153 -8.09 -4.19 6.15
C GLN A 153 -8.87 -3.38 7.20
N ARG A 154 -9.01 -2.08 6.96
CA ARG A 154 -9.76 -1.20 7.86
C ARG A 154 -9.13 -1.12 9.25
N MET A 155 -7.81 -1.13 9.30
CA MET A 155 -7.07 -0.97 10.56
C MET A 155 -6.10 0.22 10.45
N GLY A 156 -6.17 0.96 9.35
CA GLY A 156 -5.27 2.08 9.11
C GLY A 156 -3.98 1.80 8.32
N TYR A 157 -3.75 0.54 7.96
CA TYR A 157 -2.53 0.18 7.23
C TYR A 157 -2.44 0.79 5.82
N GLY A 158 -3.55 0.83 5.09
CA GLY A 158 -3.56 1.42 3.75
C GLY A 158 -3.09 2.86 3.75
N LYS A 159 -3.53 3.62 4.73
CA LYS A 159 -3.12 5.02 4.83
C LYS A 159 -1.62 5.14 5.12
N LEU A 160 -1.07 4.23 5.91
CA LEU A 160 0.37 4.20 6.15
C LEU A 160 1.14 3.91 4.84
N LEU A 161 0.66 2.94 4.07
CA LEU A 161 1.26 2.65 2.77
C LEU A 161 1.28 3.88 1.85
N ILE A 162 0.16 4.57 1.76
CA ILE A 162 0.09 5.74 0.90
C ILE A 162 1.04 6.82 1.39
N GLU A 163 1.01 7.07 2.71
CA GLU A 163 1.89 8.08 3.29
C GLU A 163 3.36 7.76 2.97
N PHE A 164 3.74 6.49 3.09
CA PHE A 164 5.11 6.09 2.77
C PHE A 164 5.44 6.38 1.31
N SER A 165 4.51 6.08 0.39
CA SER A 165 4.79 6.32 -1.03
C SER A 165 5.10 7.79 -1.33
N TYR A 166 4.42 8.70 -0.65
CA TYR A 166 4.72 10.12 -0.82
C TYR A 166 6.05 10.55 -0.16
N GLU A 167 6.49 9.85 0.90
CA GLU A 167 7.81 10.13 1.48
C GLU A 167 8.95 9.77 0.51
N LEU A 168 8.76 8.71 -0.26
CA LEU A 168 9.69 8.39 -1.35
C LEU A 168 9.75 9.52 -2.36
N SER A 169 8.58 9.95 -2.84
CA SER A 169 8.51 11.04 -3.82
C SER A 169 9.18 12.32 -3.29
N LYS A 170 8.92 12.67 -2.04
CA LYS A 170 9.52 13.86 -1.44
C LYS A 170 11.06 13.74 -1.43
N LYS A 171 11.56 12.57 -1.05
CA LYS A 171 13.00 12.32 -1.03
C LYS A 171 13.57 12.42 -2.44
N GLU A 172 12.77 12.05 -3.45
CA GLU A 172 13.13 12.15 -4.88
C GLU A 172 13.01 13.56 -5.45
N ASN A 173 12.49 14.52 -4.67
CA ASN A 173 12.24 15.86 -5.18
C ASN A 173 11.30 15.89 -6.40
N LYS A 174 10.25 15.08 -6.36
CA LYS A 174 9.27 15.00 -7.44
C LYS A 174 7.86 14.99 -6.88
N VAL A 175 6.89 15.53 -7.63
CA VAL A 175 5.49 15.27 -7.31
C VAL A 175 5.13 13.91 -7.90
N GLY A 176 4.03 13.32 -7.43
CA GLY A 176 3.55 12.07 -7.98
C GLY A 176 2.10 11.80 -7.63
N SER A 177 1.50 10.81 -8.28
CA SER A 177 0.10 10.44 -8.07
C SER A 177 -0.06 8.95 -8.40
N PRO A 178 -1.03 8.25 -7.79
CA PRO A 178 -1.23 6.83 -8.09
C PRO A 178 -1.65 6.61 -9.56
N GLU A 179 -1.33 5.44 -10.10
CA GLU A 179 -1.68 5.08 -11.47
C GLU A 179 -3.20 5.09 -11.62
N LYS A 180 -3.72 5.59 -12.74
CA LYS A 180 -5.17 5.53 -13.04
C LYS A 180 -5.40 4.49 -14.11
N PRO A 181 -6.60 3.87 -14.15
CA PRO A 181 -7.71 4.14 -13.23
C PRO A 181 -7.52 3.42 -11.91
N LEU A 182 -8.10 3.99 -10.84
CA LEU A 182 -8.08 3.36 -9.50
C LEU A 182 -9.38 2.62 -9.27
N SER A 183 -9.33 1.51 -8.51
CA SER A 183 -10.54 0.89 -7.99
C SER A 183 -11.28 1.87 -7.07
N ASP A 184 -12.57 1.65 -6.82
CA ASP A 184 -13.33 2.54 -5.94
C ASP A 184 -12.70 2.56 -4.55
N LEU A 185 -12.37 1.38 -4.05
CA LEU A 185 -11.70 1.28 -2.75
C LEU A 185 -10.41 2.12 -2.69
N GLY A 186 -9.57 2.02 -3.71
CA GLY A 186 -8.34 2.79 -3.76
C GLY A 186 -8.61 4.31 -3.82
N LEU A 187 -9.52 4.72 -4.69
CA LEU A 187 -9.75 6.15 -4.85
C LEU A 187 -10.32 6.77 -3.57
N LEU A 188 -11.24 6.08 -2.90
CA LEU A 188 -11.76 6.61 -1.64
C LEU A 188 -10.68 6.69 -0.55
N SER A 189 -9.75 5.74 -0.52
CA SER A 189 -8.63 5.81 0.41
C SER A 189 -7.72 7.01 0.12
N TYR A 190 -7.36 7.20 -1.15
CA TYR A 190 -6.58 8.39 -1.54
C TYR A 190 -7.29 9.71 -1.20
N ARG A 191 -8.59 9.81 -1.48
CA ARG A 191 -9.29 11.04 -1.16
C ARG A 191 -9.24 11.35 0.33
N ALA A 192 -9.39 10.32 1.17
CA ALA A 192 -9.30 10.53 2.62
C ALA A 192 -7.90 10.98 3.03
N TYR A 193 -6.88 10.32 2.47
CA TYR A 193 -5.50 10.68 2.72
C TYR A 193 -5.21 12.13 2.33
N TRP A 194 -5.58 12.49 1.10
CA TRP A 194 -5.36 13.85 0.60
C TRP A 194 -6.08 14.87 1.50
N SER A 195 -7.31 14.54 1.88
CA SER A 195 -8.09 15.41 2.75
C SER A 195 -7.44 15.56 4.14
N ASP A 196 -7.09 14.45 4.78
CA ASP A 196 -6.42 14.51 6.09
C ASP A 196 -5.10 15.30 6.04
N THR A 197 -4.36 15.16 4.94
CA THR A 197 -3.10 15.84 4.76
C THR A 197 -3.24 17.37 4.71
N LEU A 198 -4.18 17.88 3.91
CA LEU A 198 -4.40 19.32 3.82
C LEU A 198 -4.89 19.88 5.16
N ILE A 199 -5.77 19.14 5.82
CA ILE A 199 -6.33 19.56 7.11
C ILE A 199 -5.24 19.67 8.17
N THR A 200 -4.35 18.69 8.21
CA THR A 200 -3.24 18.67 9.16
C THR A 200 -2.25 19.83 8.91
N LEU A 201 -1.94 20.08 7.64
CA LEU A 201 -1.07 21.19 7.28
C LEU A 201 -1.62 22.54 7.75
N LEU A 202 -2.93 22.72 7.63
CA LEU A 202 -3.55 24.01 7.94
C LEU A 202 -3.56 24.30 9.43
N VAL A 203 -3.65 23.25 10.23
CA VAL A 203 -3.64 23.42 11.67
C VAL A 203 -2.21 23.44 12.23
N GLU A 204 -1.35 22.57 11.78
CA GLU A 204 0.02 22.45 12.23
C GLU A 204 1.08 23.36 11.60
N HIS A 205 0.92 23.79 10.38
CA HIS A 205 1.91 24.59 9.71
C HIS A 205 1.54 26.03 9.54
N GLN A 206 0.54 26.32 8.74
CA GLN A 206 0.20 27.72 8.46
C GLN A 206 -1.28 27.82 8.09
N LYS A 207 -1.95 28.88 8.56
CA LYS A 207 -3.39 29.07 8.33
C LYS A 207 -3.75 29.34 6.86
N GLU A 208 -2.77 29.78 6.08
CA GLU A 208 -2.96 30.00 4.65
C GLU A 208 -1.70 29.48 3.95
N ILE A 209 -1.88 28.70 2.88
CA ILE A 209 -0.78 27.99 2.21
C ILE A 209 -1.02 27.99 0.70
N THR A 210 0.01 28.35 -0.08
CA THR A 210 -0.13 28.37 -1.53
C THR A 210 -0.01 26.96 -2.13
N ILE A 211 -0.40 26.84 -3.40
CA ILE A 211 -0.31 25.56 -4.10
C ILE A 211 1.12 25.04 -4.16
N ASP A 212 2.06 25.94 -4.49
CA ASP A 212 3.48 25.60 -4.53
C ASP A 212 3.98 25.10 -3.19
N GLU A 213 3.55 25.77 -2.13
CA GLU A 213 3.99 25.38 -0.79
C GLU A 213 3.49 23.99 -0.44
N ILE A 214 2.22 23.72 -0.75
CA ILE A 214 1.63 22.40 -0.47
C ILE A 214 2.37 21.31 -1.24
N SER A 215 2.56 21.53 -2.53
CA SER A 215 3.25 20.58 -3.39
C SER A 215 4.64 20.25 -2.87
N SER A 216 5.38 21.30 -2.48
CA SER A 216 6.73 21.13 -1.95
C SER A 216 6.73 20.30 -0.69
N MET A 217 5.75 20.52 0.17
CA MET A 217 5.70 19.84 1.46
C MET A 217 5.17 18.40 1.38
N THR A 218 4.38 18.10 0.35
CA THR A 218 3.65 16.83 0.32
C THR A 218 3.95 15.93 -0.87
N SER A 219 4.55 16.49 -1.91
CA SER A 219 4.68 15.83 -3.23
C SER A 219 3.32 15.51 -3.92
N MET A 220 2.23 16.06 -3.43
CA MET A 220 0.96 15.94 -4.14
C MET A 220 0.97 16.80 -5.39
N THR A 221 0.32 16.34 -6.46
CA THR A 221 0.25 17.13 -7.69
C THR A 221 -0.76 18.26 -7.55
N THR A 222 -0.60 19.28 -8.37
CA THR A 222 -1.54 20.38 -8.48
C THR A 222 -2.98 19.89 -8.65
N THR A 223 -3.19 18.93 -9.54
CA THR A 223 -4.52 18.41 -9.79
C THR A 223 -5.17 17.77 -8.55
N ASP A 224 -4.42 16.91 -7.86
CA ASP A 224 -4.95 16.28 -6.65
C ASP A 224 -5.18 17.30 -5.52
N ILE A 225 -4.30 18.28 -5.41
CA ILE A 225 -4.49 19.35 -4.42
C ILE A 225 -5.78 20.16 -4.70
N LEU A 226 -5.94 20.64 -5.93
CA LEU A 226 -7.12 21.43 -6.28
C LEU A 226 -8.43 20.64 -6.11
N HIS A 227 -8.46 19.40 -6.59
CA HIS A 227 -9.65 18.56 -6.42
C HIS A 227 -10.02 18.44 -4.94
N THR A 228 -9.02 18.20 -4.10
CA THR A 228 -9.24 18.03 -2.68
C THR A 228 -9.67 19.34 -2.02
N ALA A 229 -9.05 20.44 -2.41
CA ALA A 229 -9.39 21.74 -1.84
C ALA A 229 -10.83 22.18 -2.20
N LYS A 230 -11.26 21.87 -3.41
CA LYS A 230 -12.60 22.23 -3.85
C LYS A 230 -13.64 21.40 -3.10
N THR A 231 -13.34 20.13 -2.89
CA THR A 231 -14.23 19.27 -2.11
C THR A 231 -14.41 19.80 -0.69
N LEU A 232 -13.35 20.33 -0.10
CA LEU A 232 -13.42 20.85 1.26
C LEU A 232 -13.87 22.31 1.32
N ASN A 233 -14.10 22.93 0.16
CA ASN A 233 -14.46 24.34 0.10
C ASN A 233 -13.42 25.25 0.76
N ILE A 234 -12.15 25.01 0.49
CA ILE A 234 -11.10 25.83 1.12
C ILE A 234 -10.17 26.51 0.12
N LEU A 235 -10.60 26.63 -1.13
CA LEU A 235 -9.80 27.28 -2.16
C LEU A 235 -10.11 28.77 -2.21
N ARG A 236 -9.07 29.61 -2.15
CA ARG A 236 -9.21 31.06 -2.23
C ARG A 236 -8.07 31.70 -3.03
N TYR A 237 -8.18 33.02 -3.20
CA TYR A 237 -7.13 33.85 -3.82
C TYR A 237 -6.72 34.87 -2.77
N TYR A 238 -5.43 34.93 -2.48
CA TYR A 238 -4.89 35.85 -1.47
C TYR A 238 -3.45 36.24 -1.85
N LYS A 239 -3.10 37.52 -1.67
CA LYS A 239 -1.79 38.02 -2.09
C LYS A 239 -1.38 37.56 -3.49
N GLY A 240 -2.30 37.62 -4.44
CA GLY A 240 -1.95 37.38 -5.84
C GLY A 240 -1.80 35.93 -6.29
N GLN A 241 -2.17 34.97 -5.44
CA GLN A 241 -2.19 33.57 -5.88
C GLN A 241 -3.20 32.70 -5.14
N HIS A 242 -3.42 31.50 -5.65
CA HIS A 242 -4.36 30.57 -5.02
C HIS A 242 -3.79 29.95 -3.76
N ILE A 243 -4.63 29.86 -2.73
CA ILE A 243 -4.25 29.27 -1.46
C ILE A 243 -5.35 28.33 -0.97
N ILE A 244 -5.04 27.56 0.07
CA ILE A 244 -6.06 26.95 0.89
C ILE A 244 -6.02 27.68 2.22
N PHE A 245 -7.13 27.69 2.94
CA PHE A 245 -7.22 28.45 4.18
C PHE A 245 -7.92 27.64 5.27
N LEU A 246 -7.60 27.97 6.52
CA LEU A 246 -8.17 27.34 7.70
C LEU A 246 -9.52 27.97 8.06
N ASN A 247 -10.46 27.15 8.51
CA ASN A 247 -11.74 27.64 9.04
C ASN A 247 -12.21 26.71 10.17
N GLU A 248 -13.39 26.97 10.71
CA GLU A 248 -13.91 26.21 11.83
C GLU A 248 -14.17 24.74 11.48
N ASP A 249 -14.75 24.52 10.30
CA ASP A 249 -14.92 23.17 9.77
C ASP A 249 -13.59 22.39 9.80
N ILE A 250 -12.54 22.98 9.25
CA ILE A 250 -11.23 22.31 9.20
C ILE A 250 -10.70 22.01 10.61
N LEU A 251 -10.82 22.97 11.51
CA LEU A 251 -10.39 22.77 12.89
C LEU A 251 -11.15 21.59 13.52
N ASP A 252 -12.46 21.56 13.28
CA ASP A 252 -13.30 20.48 13.79
C ASP A 252 -12.86 19.13 13.21
N ARG A 253 -12.57 19.10 11.92
CA ARG A 253 -12.15 17.83 11.29
C ARG A 253 -10.81 17.39 11.85
N TYR A 254 -9.91 18.34 12.07
CA TYR A 254 -8.60 18.05 12.62
C TYR A 254 -8.70 17.38 14.00
N ASN A 255 -9.50 17.96 14.88
CA ASN A 255 -9.68 17.42 16.24
C ASN A 255 -10.30 16.04 16.24
N ARG A 256 -11.26 15.81 15.35
CA ARG A 256 -11.81 14.46 15.20
C ARG A 256 -10.73 13.50 14.70
N LEU A 257 -9.93 13.96 13.75
CA LEU A 257 -8.82 13.15 13.26
C LEU A 257 -7.88 12.76 14.41
N LYS A 258 -7.42 13.74 15.17
CA LYS A 258 -6.47 13.45 16.23
C LYS A 258 -7.09 12.54 17.30
N ALA A 259 -8.37 12.76 17.59
CA ALA A 259 -9.11 11.92 18.53
C ALA A 259 -8.94 10.43 18.25
N LYS A 260 -8.79 10.09 16.97
CA LYS A 260 -8.70 8.68 16.57
C LYS A 260 -7.37 8.01 16.94
N LYS A 261 -6.38 8.81 17.33
CA LYS A 261 -5.11 8.28 17.82
C LYS A 261 -4.41 7.33 16.83
N ARG A 262 -4.39 7.67 15.55
N ARG A 262 -4.39 7.72 15.56
CA ARG A 262 -3.84 6.76 14.56
CA ARG A 262 -3.79 6.92 14.49
C ARG A 262 -2.36 7.02 14.22
C ARG A 262 -2.25 6.97 14.52
N ARG A 263 -1.63 5.93 13.99
CA ARG A 263 -0.18 5.97 13.76
C ARG A 263 0.11 6.63 12.43
N THR A 264 1.27 7.29 12.34
CA THR A 264 1.73 7.87 11.09
C THR A 264 3.18 7.47 10.80
N ILE A 265 3.64 7.77 9.59
CA ILE A 265 5.03 7.56 9.21
C ILE A 265 5.91 8.72 9.68
N ASP A 266 7.06 8.41 10.26
CA ASP A 266 8.06 9.43 10.65
C ASP A 266 9.12 9.61 9.56
N PRO A 267 9.05 10.73 8.82
CA PRO A 267 10.00 10.93 7.71
C PRO A 267 11.45 10.81 8.13
N ASN A 268 11.76 11.07 9.40
CA ASN A 268 13.13 10.98 9.87
C ASN A 268 13.68 9.57 9.86
N ARG A 269 12.80 8.59 9.84
CA ARG A 269 13.24 7.20 9.92
C ARG A 269 13.37 6.52 8.55
N LEU A 270 13.09 7.26 7.48
CA LEU A 270 13.31 6.76 6.14
C LEU A 270 14.78 6.92 5.80
N ILE A 271 15.50 5.81 5.75
CA ILE A 271 16.92 5.79 5.44
C ILE A 271 17.08 5.28 4.02
N TRP A 272 17.17 6.20 3.05
CA TRP A 272 17.00 5.85 1.65
C TRP A 272 17.48 6.94 0.73
N LYS A 273 18.18 6.53 -0.33
CA LYS A 273 18.56 7.45 -1.41
C LYS A 273 18.01 6.94 -2.73
N PRO A 274 17.45 7.86 -3.54
CA PRO A 274 16.99 7.57 -4.90
C PRO A 274 18.17 7.05 -5.73
N PRO A 275 17.89 6.16 -6.70
CA PRO A 275 18.85 5.45 -7.56
C PRO A 275 19.96 6.29 -8.20
N VAL A 276 19.67 7.54 -8.57
CA VAL A 276 20.67 8.36 -9.26
C VAL A 276 21.35 7.60 -10.40
N LYS B 6 -1.65 -3.68 -12.89
CA LYS B 6 -1.65 -2.36 -12.43
C LYS B 6 -0.30 -2.11 -11.92
#